data_6WAD
#
_entry.id   6WAD
#
_cell.length_a   94.068
_cell.length_b   94.068
_cell.length_c   109.242
_cell.angle_alpha   90.000
_cell.angle_beta   90.000
_cell.angle_gamma   90.000
#
_symmetry.space_group_name_H-M   'I 41'
#
loop_
_entity.id
_entity.type
_entity.pdbx_description
1 polymer 'Protein arginine N-methyltransferase 6'
2 non-polymer S-ADENOSYL-L-HOMOCYSTEINE
3 non-polymer 5-bromo-N-(diphenylmethyl)-N-methylthiophene-2-carboxamide
4 water water
#
_entity_poly.entity_id   1
_entity_poly.type   'polypeptide(L)'
_entity_poly.pdbx_seq_one_letter_code
;GMSQPKKRKLESGGGGEGGEGTEEEDGAEREAALERPRRTKRERDQLYYECYSDVSVHEEMIADRVRTDAYRLGILRNWA
ALRGKTVLDVGAGTGILSIFCAQAGARRVYAVEASAIWQQAREVVRFNGLEDRVHVLPGPVETVELPEQVDAIVSEWMGY
GLLHESMLSSVLHARTKWLKEGGLLLPASAELFIVPISDQMLEWRLGFWSQVKQHYGVDMSCLEGFATRCLMGHSEIVVQ
GLSGEDVLARPQRFAQLELSRAGLEQELEAGVGGRFRCSCYGSAPMHGFAIWFQVTFPGGESEKPLVLSTSPFHPATHWK
QALLYLNEPVQVEQDTDVSGEITLLPSRDNPRRLRVLLRYKVGDQEEKTKDFAMED
;
_entity_poly.pdbx_strand_id   A
#
loop_
_chem_comp.id
_chem_comp.type
_chem_comp.name
_chem_comp.formula
SAH non-polymer S-ADENOSYL-L-HOMOCYSTEINE 'C14 H20 N6 O5 S'
TQ7 non-polymer 5-bromo-N-(diphenylmethyl)-N-methylthiophene-2-carboxamide 'C19 H16 Br N O S'
#
# COMPACT_ATOMS: atom_id res chain seq x y z
N GLU A 50 5.53 -22.90 14.48
CA GLU A 50 6.69 -22.02 14.08
C GLU A 50 6.18 -20.65 13.63
N CYS A 51 5.38 -19.99 14.48
CA CYS A 51 4.42 -18.89 14.13
C CYS A 51 4.84 -17.52 14.70
N TYR A 52 6.13 -17.18 14.77
CA TYR A 52 6.61 -15.89 15.31
C TYR A 52 6.54 -14.80 14.23
N SER A 53 6.51 -15.22 12.96
CA SER A 53 6.30 -14.36 11.77
C SER A 53 4.83 -13.93 11.72
N ASP A 54 3.92 -14.91 11.87
CA ASP A 54 2.45 -14.72 12.02
C ASP A 54 2.19 -13.56 12.99
N VAL A 55 2.83 -13.61 14.17
CA VAL A 55 2.57 -12.68 15.29
C VAL A 55 3.09 -11.28 14.93
N SER A 56 4.30 -11.20 14.38
CA SER A 56 4.96 -9.92 14.06
C SER A 56 4.07 -9.10 13.11
N VAL A 57 3.45 -9.77 12.14
CA VAL A 57 2.65 -9.13 11.05
C VAL A 57 1.34 -8.58 11.65
N HIS A 58 0.60 -9.41 12.39
CA HIS A 58 -0.69 -9.01 12.99
C HIS A 58 -0.46 -7.96 14.09
N GLU A 59 0.65 -8.05 14.81
CA GLU A 59 1.03 -7.05 15.85
C GLU A 59 1.21 -5.69 15.17
N GLU A 60 2.02 -5.65 14.13
CA GLU A 60 2.42 -4.43 13.37
C GLU A 60 1.18 -3.71 12.81
N MET A 61 0.21 -4.47 12.31
CA MET A 61 -1.06 -3.94 11.76
C MET A 61 -1.94 -3.33 12.86
N ILE A 62 -2.21 -4.08 13.93
CA ILE A 62 -3.06 -3.61 15.06
C ILE A 62 -2.37 -2.41 15.74
N ALA A 63 -1.04 -2.44 15.87
CA ALA A 63 -0.22 -1.34 16.47
C ALA A 63 -0.24 -0.07 15.60
N ASP A 64 -0.60 -0.19 14.32
CA ASP A 64 -0.77 0.98 13.42
C ASP A 64 -2.14 1.62 13.72
N ARG A 65 -2.13 2.67 14.54
CA ARG A 65 -3.36 3.36 15.00
C ARG A 65 -4.01 4.03 13.78
N VAL A 66 -3.18 4.56 12.88
CA VAL A 66 -3.69 5.31 11.71
C VAL A 66 -4.50 4.31 10.88
N ARG A 67 -3.91 3.15 10.58
CA ARG A 67 -4.60 2.08 9.80
C ARG A 67 -5.84 1.62 10.58
N THR A 68 -5.71 1.34 11.87
CA THR A 68 -6.77 0.63 12.62
C THR A 68 -7.94 1.59 12.87
N ASP A 69 -7.65 2.85 13.23
CA ASP A 69 -8.71 3.88 13.44
C ASP A 69 -9.41 4.18 12.12
N ALA A 70 -8.70 4.21 10.99
CA ALA A 70 -9.29 4.64 9.71
C ALA A 70 -10.35 3.60 9.32
N TYR A 71 -10.05 2.32 9.54
CA TYR A 71 -10.98 1.21 9.26
C TYR A 71 -12.14 1.29 10.25
N ARG A 72 -11.81 1.40 11.53
CA ARG A 72 -12.83 1.57 12.59
C ARG A 72 -13.83 2.65 12.18
N LEU A 73 -13.35 3.86 11.91
CA LEU A 73 -14.20 5.04 11.63
C LEU A 73 -14.83 4.91 10.25
N GLY A 74 -14.06 4.49 9.25
CA GLY A 74 -14.59 4.22 7.90
C GLY A 74 -15.78 3.32 7.99
N ILE A 75 -15.69 2.28 8.83
CA ILE A 75 -16.75 1.24 9.00
C ILE A 75 -17.91 1.84 9.82
N LEU A 76 -17.63 2.44 10.98
CA LEU A 76 -18.66 3.01 11.88
C LEU A 76 -19.50 4.06 11.14
N ARG A 77 -18.88 4.96 10.37
CA ARG A 77 -19.55 6.09 9.67
C ARG A 77 -20.58 5.56 8.65
N ASN A 78 -20.60 4.25 8.38
CA ASN A 78 -21.56 3.60 7.45
C ASN A 78 -22.54 2.76 8.25
N TRP A 79 -22.77 3.10 9.52
CA TRP A 79 -23.65 2.32 10.42
C TRP A 79 -25.04 2.21 9.79
N ALA A 80 -25.53 3.28 9.16
CA ALA A 80 -26.88 3.32 8.54
C ALA A 80 -26.99 2.24 7.47
N ALA A 81 -25.99 2.08 6.60
CA ALA A 81 -26.02 1.06 5.51
C ALA A 81 -25.72 -0.35 6.05
N LEU A 82 -25.11 -0.46 7.22
CA LEU A 82 -24.61 -1.77 7.72
C LEU A 82 -25.55 -2.36 8.77
N ARG A 83 -26.29 -1.53 9.50
CA ARG A 83 -27.13 -2.02 10.61
C ARG A 83 -28.15 -3.02 10.05
N GLY A 84 -28.24 -4.20 10.65
CA GLY A 84 -29.20 -5.24 10.25
C GLY A 84 -28.86 -5.89 8.92
N LYS A 85 -27.72 -5.53 8.31
CA LYS A 85 -27.28 -6.02 6.96
C LYS A 85 -26.19 -7.10 7.14
N THR A 86 -25.72 -7.70 6.04
CA THR A 86 -24.69 -8.78 6.04
C THR A 86 -23.39 -8.32 5.35
N VAL A 87 -22.25 -8.79 5.86
CA VAL A 87 -20.89 -8.32 5.46
C VAL A 87 -19.99 -9.53 5.21
N LEU A 88 -19.10 -9.42 4.22
CA LEU A 88 -17.99 -10.36 3.95
C LEU A 88 -16.66 -9.64 4.21
N ASP A 89 -15.91 -10.06 5.24
CA ASP A 89 -14.51 -9.61 5.54
C ASP A 89 -13.55 -10.56 4.81
N VAL A 90 -12.92 -10.10 3.72
CA VAL A 90 -11.97 -10.91 2.90
C VAL A 90 -10.58 -10.82 3.53
N GLY A 91 -10.12 -11.93 4.10
CA GLY A 91 -8.83 -12.00 4.80
C GLY A 91 -8.92 -11.38 6.18
N ALA A 92 -9.80 -11.93 7.00
CA ALA A 92 -10.20 -11.39 8.33
C ALA A 92 -9.01 -11.32 9.29
N GLY A 93 -7.90 -12.00 9.00
CA GLY A 93 -6.73 -12.03 9.89
C GLY A 93 -7.13 -12.46 11.28
N THR A 94 -6.98 -11.58 12.28
CA THR A 94 -7.32 -11.76 13.72
C THR A 94 -8.79 -11.37 13.99
N GLY A 95 -9.51 -10.90 12.97
CA GLY A 95 -10.98 -10.70 13.03
C GLY A 95 -11.42 -9.30 13.42
N ILE A 96 -10.50 -8.35 13.65
CA ILE A 96 -10.85 -7.04 14.26
C ILE A 96 -11.75 -6.25 13.29
N LEU A 97 -11.55 -6.34 11.98
CA LEU A 97 -12.39 -5.63 10.98
C LEU A 97 -13.81 -6.20 11.01
N SER A 98 -13.93 -7.52 11.09
CA SER A 98 -15.22 -8.21 11.23
C SER A 98 -15.98 -7.69 12.45
N ILE A 99 -15.30 -7.48 13.57
CA ILE A 99 -15.93 -7.10 14.86
C ILE A 99 -16.28 -5.60 14.85
N PHE A 100 -15.52 -4.75 14.15
CA PHE A 100 -15.92 -3.35 13.85
C PHE A 100 -17.25 -3.33 13.08
N CYS A 101 -17.40 -4.25 12.14
CA CYS A 101 -18.63 -4.42 11.34
C CYS A 101 -19.82 -4.77 12.24
N ALA A 102 -19.62 -5.62 13.23
CA ALA A 102 -20.66 -5.97 14.22
C ALA A 102 -20.91 -4.76 15.14
N GLN A 103 -19.87 -4.05 15.53
CA GLN A 103 -20.02 -2.82 16.35
C GLN A 103 -20.92 -1.85 15.58
N ALA A 104 -20.67 -1.68 14.28
CA ALA A 104 -21.45 -0.81 13.38
C ALA A 104 -22.87 -1.36 13.14
N GLY A 105 -23.18 -2.58 13.57
CA GLY A 105 -24.58 -3.05 13.66
C GLY A 105 -24.94 -4.12 12.65
N ALA A 106 -23.97 -4.72 11.94
CA ALA A 106 -24.27 -5.77 10.94
C ALA A 106 -24.98 -6.92 11.66
N ARG A 107 -25.93 -7.60 11.01
CA ARG A 107 -26.64 -8.75 11.67
C ARG A 107 -25.74 -9.98 11.55
N ARG A 108 -25.03 -10.12 10.43
CA ARG A 108 -24.20 -11.31 10.11
C ARG A 108 -22.97 -10.87 9.33
N VAL A 109 -21.79 -11.33 9.77
CA VAL A 109 -20.48 -11.07 9.13
C VAL A 109 -19.78 -12.41 8.88
N TYR A 110 -19.39 -12.65 7.64
CA TYR A 110 -18.57 -13.83 7.25
C TYR A 110 -17.12 -13.39 7.17
N ALA A 111 -16.30 -13.87 8.11
CA ALA A 111 -14.85 -13.57 8.22
C ALA A 111 -14.06 -14.71 7.59
N VAL A 112 -13.58 -14.55 6.37
CA VAL A 112 -12.92 -15.62 5.60
C VAL A 112 -11.42 -15.38 5.68
N GLU A 113 -10.66 -16.37 6.15
CA GLU A 113 -9.20 -16.27 6.33
C GLU A 113 -8.58 -17.58 5.88
N ALA A 114 -7.74 -17.51 4.83
CA ALA A 114 -7.07 -18.66 4.19
C ALA A 114 -6.01 -19.27 5.12
N SER A 115 -5.27 -18.45 5.87
CA SER A 115 -4.06 -18.87 6.61
C SER A 115 -4.34 -19.15 8.10
N ALA A 116 -3.31 -19.68 8.78
CA ALA A 116 -3.37 -20.36 10.09
C ALA A 116 -4.04 -19.46 11.13
N ILE A 117 -3.94 -18.16 10.93
CA ILE A 117 -4.37 -17.11 11.89
C ILE A 117 -5.90 -17.20 12.11
N TRP A 118 -6.63 -17.93 11.28
CA TRP A 118 -8.12 -18.07 11.42
C TRP A 118 -8.48 -18.65 12.80
N GLN A 119 -7.67 -19.56 13.34
CA GLN A 119 -7.90 -20.19 14.69
C GLN A 119 -8.04 -19.10 15.74
N GLN A 120 -7.12 -18.12 15.62
CA GLN A 120 -6.98 -16.96 16.52
C GLN A 120 -8.19 -16.04 16.30
N ALA A 121 -8.58 -15.81 15.05
CA ALA A 121 -9.84 -15.10 14.71
C ALA A 121 -11.03 -15.83 15.37
N ARG A 122 -11.13 -17.16 15.21
CA ARG A 122 -12.17 -18.00 15.88
C ARG A 122 -12.16 -17.75 17.41
N GLU A 123 -10.99 -17.78 18.05
CA GLU A 123 -10.85 -17.62 19.52
C GLU A 123 -11.31 -16.22 19.95
N VAL A 124 -10.93 -15.17 19.20
CA VAL A 124 -11.22 -13.73 19.53
C VAL A 124 -12.72 -13.44 19.45
N VAL A 125 -13.41 -13.97 18.43
CA VAL A 125 -14.87 -13.79 18.21
C VAL A 125 -15.64 -14.49 19.34
N ARG A 126 -15.29 -15.74 19.66
CA ARG A 126 -15.96 -16.56 20.72
C ARG A 126 -15.80 -15.82 22.05
N PHE A 127 -14.59 -15.35 22.34
CA PHE A 127 -14.21 -14.67 23.60
C PHE A 127 -14.92 -13.31 23.72
N ASN A 128 -15.36 -12.72 22.62
CA ASN A 128 -16.08 -11.41 22.63
C ASN A 128 -17.60 -11.66 22.52
N GLY A 129 -18.02 -12.93 22.57
CA GLY A 129 -19.43 -13.35 22.63
C GLY A 129 -20.19 -12.93 21.39
N LEU A 130 -19.61 -13.21 20.22
CA LEU A 130 -20.08 -12.66 18.93
C LEU A 130 -20.17 -13.77 17.89
N GLU A 131 -19.95 -15.02 18.29
CA GLU A 131 -20.01 -16.23 17.41
C GLU A 131 -21.41 -16.41 16.79
N ASP A 132 -22.47 -15.83 17.38
CA ASP A 132 -23.85 -15.88 16.81
C ASP A 132 -24.02 -14.82 15.70
N ARG A 133 -23.08 -13.88 15.55
CA ARG A 133 -23.16 -12.78 14.55
C ARG A 133 -21.99 -12.82 13.55
N VAL A 134 -20.84 -13.36 13.94
CA VAL A 134 -19.60 -13.38 13.11
C VAL A 134 -19.14 -14.84 12.95
N HIS A 135 -19.13 -15.33 11.73
CA HIS A 135 -18.80 -16.74 11.38
C HIS A 135 -17.43 -16.76 10.67
N VAL A 136 -16.37 -17.12 11.38
CA VAL A 136 -15.01 -17.30 10.81
C VAL A 136 -14.99 -18.55 9.95
N LEU A 137 -14.74 -18.43 8.66
CA LEU A 137 -14.68 -19.53 7.67
C LEU A 137 -13.23 -19.63 7.18
N PRO A 138 -12.57 -20.78 7.42
CA PRO A 138 -11.19 -20.96 6.97
C PRO A 138 -11.22 -21.27 5.47
N GLY A 139 -10.17 -20.86 4.77
CA GLY A 139 -9.95 -21.24 3.37
C GLY A 139 -9.99 -20.02 2.47
N PRO A 140 -9.61 -20.19 1.19
CA PRO A 140 -9.59 -19.09 0.25
C PRO A 140 -11.02 -18.65 -0.03
N VAL A 141 -11.19 -17.36 -0.31
CA VAL A 141 -12.51 -16.72 -0.58
C VAL A 141 -12.97 -17.19 -1.95
N GLU A 142 -12.05 -17.57 -2.83
CA GLU A 142 -12.39 -18.06 -4.18
C GLU A 142 -13.23 -19.34 -4.10
N THR A 143 -13.24 -20.09 -2.99
CA THR A 143 -13.99 -21.38 -2.90
C THR A 143 -14.88 -21.46 -1.67
N VAL A 144 -15.01 -20.39 -0.90
CA VAL A 144 -15.92 -20.43 0.29
C VAL A 144 -17.39 -20.46 -0.21
N GLU A 145 -18.25 -21.18 0.53
CA GLU A 145 -19.70 -21.32 0.21
C GLU A 145 -20.43 -20.42 1.19
N LEU A 146 -21.01 -19.33 0.71
CA LEU A 146 -21.86 -18.49 1.58
C LEU A 146 -23.29 -18.87 1.28
N PRO A 147 -24.18 -18.79 2.29
CA PRO A 147 -25.60 -19.09 2.10
C PRO A 147 -26.34 -18.04 1.25
N GLU A 148 -25.96 -16.77 1.41
CA GLU A 148 -26.66 -15.59 0.83
C GLU A 148 -25.62 -14.70 0.14
N GLN A 149 -26.06 -13.85 -0.78
CA GLN A 149 -25.25 -12.72 -1.30
C GLN A 149 -25.23 -11.62 -0.21
N VAL A 150 -24.15 -10.84 -0.13
CA VAL A 150 -23.88 -9.93 1.02
C VAL A 150 -24.13 -8.48 0.58
N ASP A 151 -24.36 -7.59 1.55
CA ASP A 151 -24.66 -6.15 1.33
C ASP A 151 -23.36 -5.34 1.30
N ALA A 152 -22.29 -5.85 1.90
CA ALA A 152 -21.01 -5.13 1.99
C ALA A 152 -19.85 -6.12 2.02
N ILE A 153 -18.70 -5.68 1.49
CA ILE A 153 -17.37 -6.34 1.62
C ILE A 153 -16.39 -5.35 2.28
N VAL A 154 -15.64 -5.80 3.28
CA VAL A 154 -14.49 -5.09 3.90
C VAL A 154 -13.21 -5.91 3.64
N SER A 155 -12.12 -5.27 3.25
CA SER A 155 -10.80 -5.94 3.12
C SER A 155 -9.67 -4.94 3.33
N GLU A 156 -8.57 -5.45 3.87
CA GLU A 156 -7.28 -4.77 3.92
C GLU A 156 -6.35 -5.61 3.06
N TRP A 157 -6.32 -5.25 1.77
CA TRP A 157 -5.60 -5.93 0.68
C TRP A 157 -4.35 -5.16 0.26
N MET A 158 -4.25 -3.88 0.65
CA MET A 158 -3.24 -2.95 0.10
C MET A 158 -1.86 -3.34 0.65
N GLY A 159 -0.84 -3.17 -0.19
CA GLY A 159 0.58 -3.18 0.19
C GLY A 159 1.42 -3.25 -1.05
N TYR A 160 2.71 -3.50 -0.91
CA TYR A 160 3.68 -3.55 -2.03
C TYR A 160 4.21 -4.98 -2.25
N GLY A 161 3.93 -5.55 -3.41
CA GLY A 161 4.40 -6.87 -3.84
C GLY A 161 3.24 -7.71 -4.29
N LEU A 162 3.55 -8.92 -4.76
CA LEU A 162 2.66 -9.88 -5.43
C LEU A 162 1.55 -10.35 -4.49
N LEU A 163 1.90 -10.65 -3.23
CA LEU A 163 0.92 -11.02 -2.17
C LEU A 163 -0.27 -10.06 -2.27
N HIS A 164 -0.01 -8.76 -2.50
CA HIS A 164 -1.02 -7.68 -2.43
C HIS A 164 -1.71 -7.53 -3.81
N GLU A 165 -1.03 -7.77 -4.92
CA GLU A 165 -1.65 -7.68 -6.27
C GLU A 165 -2.78 -8.71 -6.37
N SER A 166 -2.55 -9.90 -5.81
CA SER A 166 -3.46 -11.07 -5.93
C SER A 166 -4.42 -11.14 -4.73
N MET A 167 -4.11 -10.45 -3.64
CA MET A 167 -5.10 -10.19 -2.56
C MET A 167 -6.19 -9.27 -3.13
N LEU A 168 -5.85 -8.29 -3.96
CA LEU A 168 -6.85 -7.42 -4.64
C LEU A 168 -7.66 -8.23 -5.64
N SER A 169 -7.04 -9.12 -6.41
CA SER A 169 -7.74 -10.04 -7.34
C SER A 169 -8.81 -10.86 -6.59
N SER A 170 -8.46 -11.37 -5.40
CA SER A 170 -9.40 -12.11 -4.53
C SER A 170 -10.58 -11.21 -4.10
N VAL A 171 -10.34 -9.93 -3.90
CA VAL A 171 -11.39 -8.95 -3.46
C VAL A 171 -12.32 -8.69 -4.64
N LEU A 172 -11.78 -8.55 -5.86
CA LEU A 172 -12.58 -8.36 -7.12
C LEU A 172 -13.40 -9.63 -7.41
N HIS A 173 -12.79 -10.80 -7.29
CA HIS A 173 -13.45 -12.12 -7.46
C HIS A 173 -14.67 -12.21 -6.54
N ALA A 174 -14.49 -11.88 -5.26
CA ALA A 174 -15.57 -11.90 -4.24
C ALA A 174 -16.58 -10.76 -4.47
N ARG A 175 -16.19 -9.59 -5.01
CA ARG A 175 -17.19 -8.57 -5.43
C ARG A 175 -18.14 -9.23 -6.44
N THR A 176 -17.61 -9.61 -7.59
CA THR A 176 -18.28 -10.31 -8.71
C THR A 176 -19.21 -11.41 -8.18
N LYS A 177 -18.70 -12.30 -7.36
CA LYS A 177 -19.39 -13.57 -7.00
C LYS A 177 -20.43 -13.33 -5.91
N TRP A 178 -20.16 -12.48 -4.92
CA TRP A 178 -20.92 -12.51 -3.64
C TRP A 178 -21.57 -11.17 -3.30
N LEU A 179 -21.17 -10.05 -3.92
CA LEU A 179 -21.72 -8.72 -3.53
C LEU A 179 -22.94 -8.38 -4.40
N LYS A 180 -23.98 -7.85 -3.75
CA LYS A 180 -25.27 -7.45 -4.38
C LYS A 180 -25.07 -6.23 -5.28
N GLU A 181 -25.75 -6.21 -6.45
CA GLU A 181 -25.84 -5.00 -7.33
C GLU A 181 -25.82 -3.76 -6.44
N GLY A 182 -24.90 -2.83 -6.69
CA GLY A 182 -24.75 -1.57 -5.93
C GLY A 182 -24.50 -1.83 -4.46
N GLY A 183 -23.66 -2.82 -4.13
CA GLY A 183 -23.31 -3.15 -2.74
C GLY A 183 -22.15 -2.29 -2.25
N LEU A 184 -21.89 -2.30 -0.97
CA LEU A 184 -20.89 -1.42 -0.33
C LEU A 184 -19.51 -2.09 -0.23
N LEU A 185 -18.46 -1.41 -0.73
CA LEU A 185 -17.03 -1.82 -0.68
C LEU A 185 -16.25 -0.90 0.27
N LEU A 186 -15.54 -1.49 1.24
CA LEU A 186 -14.73 -0.75 2.24
C LEU A 186 -13.28 -1.27 2.24
N PRO A 187 -12.30 -0.51 1.72
CA PRO A 187 -12.56 0.78 1.07
C PRO A 187 -13.12 0.58 -0.35
N ALA A 188 -13.54 1.68 -1.00
CA ALA A 188 -14.26 1.68 -2.29
C ALA A 188 -13.31 2.02 -3.43
N SER A 189 -12.21 2.72 -3.12
CA SER A 189 -11.27 3.16 -4.18
C SER A 189 -9.87 3.26 -3.61
N ALA A 190 -8.91 3.37 -4.51
CA ALA A 190 -7.49 3.56 -4.19
C ALA A 190 -6.89 4.46 -5.27
N GLU A 191 -5.96 5.31 -4.86
CA GLU A 191 -5.23 6.27 -5.72
C GLU A 191 -3.74 6.07 -5.47
N LEU A 192 -2.92 6.22 -6.51
CA LEU A 192 -1.45 6.11 -6.40
C LEU A 192 -0.79 7.44 -6.80
N PHE A 193 0.25 7.79 -6.04
CA PHE A 193 0.99 9.06 -6.11
C PHE A 193 2.47 8.76 -6.29
N ILE A 194 3.17 9.68 -6.96
CA ILE A 194 4.65 9.63 -7.16
C ILE A 194 5.20 11.04 -7.05
N VAL A 195 6.41 11.15 -6.53
CA VAL A 195 7.12 12.45 -6.44
C VAL A 195 8.61 12.19 -6.41
N PRO A 196 9.45 13.08 -6.97
CA PRO A 196 10.88 13.05 -6.72
C PRO A 196 11.18 13.26 -5.24
N ILE A 197 12.23 12.61 -4.76
CA ILE A 197 12.66 12.60 -3.35
C ILE A 197 14.18 12.74 -3.30
N SER A 198 14.63 13.37 -2.23
CA SER A 198 16.00 13.31 -1.68
C SER A 198 15.90 12.62 -0.32
N ASP A 199 16.55 11.47 -0.17
CA ASP A 199 16.44 10.59 1.03
C ASP A 199 17.60 10.91 1.98
N GLN A 200 17.34 11.53 3.14
CA GLN A 200 18.38 11.91 4.12
C GLN A 200 19.11 10.65 4.63
N MET A 201 18.38 9.59 4.99
CA MET A 201 18.99 8.32 5.49
C MET A 201 19.98 7.78 4.45
N LEU A 202 19.68 7.90 3.14
CA LEU A 202 20.58 7.45 2.04
C LEU A 202 21.76 8.43 1.90
N GLU A 203 21.50 9.74 1.91
CA GLU A 203 22.54 10.81 1.90
C GLU A 203 23.58 10.48 2.98
N TRP A 204 23.15 10.21 4.21
CA TRP A 204 23.99 9.90 5.39
C TRP A 204 24.84 8.65 5.10
N ARG A 205 24.23 7.61 4.54
CA ARG A 205 24.91 6.32 4.25
C ARG A 205 25.96 6.49 3.14
N LEU A 206 25.69 7.33 2.15
CA LEU A 206 26.59 7.58 0.99
C LEU A 206 27.80 8.41 1.45
N GLY A 207 27.64 9.29 2.44
CA GLY A 207 28.73 10.14 2.99
C GLY A 207 29.50 9.50 4.14
N PHE A 208 29.06 8.35 4.66
CA PHE A 208 29.64 7.73 5.89
C PHE A 208 31.14 7.46 5.67
N TRP A 209 31.50 7.06 4.46
CA TRP A 209 32.87 6.61 4.09
C TRP A 209 33.85 7.78 4.10
N SER A 210 33.36 9.01 3.93
CA SER A 210 34.13 10.28 4.06
C SER A 210 34.38 10.62 5.53
N GLN A 211 33.56 10.14 6.46
CA GLN A 211 33.61 10.54 7.89
C GLN A 211 34.70 9.75 8.62
N VAL A 212 35.12 8.61 8.08
CA VAL A 212 36.04 7.61 8.71
C VAL A 212 37.39 8.27 9.09
N LYS A 213 37.97 9.08 8.19
CA LYS A 213 39.25 9.81 8.41
C LYS A 213 39.17 10.60 9.73
N GLN A 214 38.14 11.42 9.93
CA GLN A 214 37.96 12.29 11.13
C GLN A 214 37.96 11.44 12.42
N HIS A 215 37.65 10.14 12.34
CA HIS A 215 37.28 9.30 13.51
C HIS A 215 38.35 8.23 13.79
N TYR A 216 38.86 7.53 12.77
CA TYR A 216 39.83 6.42 12.94
C TYR A 216 41.10 6.64 12.09
N GLY A 217 41.33 7.85 11.59
CA GLY A 217 42.57 8.24 10.92
C GLY A 217 42.93 7.34 9.75
N VAL A 218 41.94 6.80 9.04
CA VAL A 218 42.13 6.09 7.75
C VAL A 218 41.12 6.70 6.76
N ASP A 219 41.53 6.95 5.51
CA ASP A 219 40.69 7.59 4.47
C ASP A 219 40.01 6.49 3.64
N MET A 220 38.68 6.42 3.71
CA MET A 220 37.87 5.43 2.96
C MET A 220 36.87 6.16 2.04
N SER A 221 37.02 7.47 1.84
CA SER A 221 36.16 8.31 0.95
C SER A 221 36.10 7.71 -0.46
N CYS A 222 37.14 6.99 -0.88
CA CYS A 222 37.22 6.29 -2.20
C CYS A 222 36.17 5.19 -2.35
N LEU A 223 35.39 4.87 -1.31
CA LEU A 223 34.34 3.81 -1.36
C LEU A 223 32.94 4.42 -1.58
N GLU A 224 32.84 5.75 -1.78
CA GLU A 224 31.58 6.47 -2.10
C GLU A 224 31.01 5.84 -3.39
N GLY A 225 31.83 5.71 -4.44
CA GLY A 225 31.44 5.10 -5.72
C GLY A 225 30.81 3.73 -5.52
N PHE A 226 31.37 2.94 -4.61
CA PHE A 226 30.99 1.53 -4.37
C PHE A 226 29.65 1.49 -3.65
N ALA A 227 29.52 2.28 -2.59
CA ALA A 227 28.29 2.41 -1.77
C ALA A 227 27.12 2.84 -2.66
N THR A 228 27.37 3.71 -3.64
CA THR A 228 26.38 4.25 -4.59
C THR A 228 25.88 3.12 -5.47
N ARG A 229 26.81 2.45 -6.15
CA ARG A 229 26.47 1.29 -7.02
C ARG A 229 25.65 0.29 -6.21
N CYS A 230 26.04 0.02 -4.97
CA CYS A 230 25.42 -1.06 -4.17
C CYS A 230 24.05 -0.59 -3.67
N LEU A 231 23.92 0.67 -3.26
CA LEU A 231 22.71 1.18 -2.57
C LEU A 231 21.72 1.72 -3.60
N MET A 232 22.18 2.18 -4.76
CA MET A 232 21.26 2.80 -5.77
C MET A 232 21.21 2.00 -7.08
N GLY A 233 22.25 1.22 -7.40
CA GLY A 233 22.42 0.54 -8.70
C GLY A 233 21.61 -0.74 -8.84
N HIS A 234 21.01 -1.26 -7.78
CA HIS A 234 20.14 -2.46 -7.86
C HIS A 234 18.84 -2.08 -8.59
N SER A 235 17.95 -3.04 -8.75
CA SER A 235 16.63 -2.96 -9.44
C SER A 235 15.51 -3.39 -8.49
N GLU A 236 15.69 -3.18 -7.20
CA GLU A 236 14.67 -3.51 -6.17
C GLU A 236 13.88 -2.27 -5.74
N ILE A 237 12.59 -2.46 -5.47
CA ILE A 237 11.75 -1.54 -4.67
C ILE A 237 12.25 -1.57 -3.22
N VAL A 238 12.71 -0.44 -2.68
CA VAL A 238 13.06 -0.33 -1.25
C VAL A 238 11.84 0.29 -0.54
N VAL A 239 11.24 -0.45 0.38
CA VAL A 239 10.15 0.01 1.28
C VAL A 239 10.76 0.70 2.50
N GLN A 240 10.61 2.04 2.60
CA GLN A 240 11.25 2.89 3.63
C GLN A 240 10.33 4.09 3.93
N GLY A 241 10.31 4.56 5.18
CA GLY A 241 9.48 5.71 5.60
C GLY A 241 10.24 7.01 5.38
N LEU A 242 9.68 7.96 4.64
CA LEU A 242 10.31 9.27 4.37
C LEU A 242 9.62 10.30 5.25
N SER A 243 10.18 11.50 5.38
CA SER A 243 9.47 12.67 5.97
C SER A 243 9.13 13.65 4.84
N GLY A 244 8.28 14.63 5.13
CA GLY A 244 7.94 15.73 4.21
C GLY A 244 9.17 16.37 3.59
N GLU A 245 10.27 16.54 4.35
CA GLU A 245 11.48 17.30 3.91
C GLU A 245 12.21 16.55 2.77
N ASP A 246 11.99 15.24 2.65
CA ASP A 246 12.56 14.38 1.59
C ASP A 246 11.91 14.69 0.23
N VAL A 247 10.74 15.37 0.21
CA VAL A 247 9.86 15.52 -0.99
C VAL A 247 10.26 16.77 -1.80
N LEU A 248 10.51 16.64 -3.11
CA LEU A 248 11.20 17.70 -3.92
C LEU A 248 10.23 18.46 -4.82
N ALA A 249 8.97 18.05 -4.91
CA ALA A 249 7.96 18.71 -5.77
C ALA A 249 6.57 18.37 -5.24
N ARG A 250 5.51 18.82 -5.89
CA ARG A 250 4.12 18.45 -5.52
C ARG A 250 3.92 17.01 -5.99
N PRO A 251 3.43 16.11 -5.12
CA PRO A 251 3.03 14.78 -5.54
C PRO A 251 2.00 14.83 -6.67
N GLN A 252 2.11 13.87 -7.57
CA GLN A 252 1.23 13.70 -8.75
C GLN A 252 0.53 12.36 -8.60
N ARG A 253 -0.79 12.37 -8.73
CA ARG A 253 -1.59 11.14 -8.81
C ARG A 253 -1.36 10.55 -10.21
N PHE A 254 -0.97 9.28 -10.34
CA PHE A 254 -0.81 8.65 -11.67
C PHE A 254 -1.82 7.53 -11.92
N ALA A 255 -2.64 7.16 -10.95
CA ALA A 255 -3.71 6.16 -11.20
C ALA A 255 -4.77 6.21 -10.10
N GLN A 256 -5.99 5.84 -10.48
CA GLN A 256 -7.17 5.69 -9.61
C GLN A 256 -7.81 4.33 -9.93
N LEU A 257 -8.14 3.52 -8.94
CA LEU A 257 -8.89 2.26 -9.12
C LEU A 257 -10.21 2.38 -8.40
N GLU A 258 -11.33 2.42 -9.14
CA GLU A 258 -12.70 2.32 -8.60
C GLU A 258 -13.03 0.83 -8.53
N LEU A 259 -13.05 0.27 -7.33
CA LEU A 259 -13.24 -1.19 -7.13
C LEU A 259 -14.62 -1.62 -7.62
N SER A 260 -15.60 -0.71 -7.66
CA SER A 260 -17.00 -1.02 -8.04
C SER A 260 -17.06 -1.42 -9.51
N ARG A 261 -16.10 -0.97 -10.32
CA ARG A 261 -16.14 -1.09 -11.79
C ARG A 261 -15.81 -2.53 -12.20
N ALA A 262 -16.70 -3.16 -12.97
CA ALA A 262 -16.44 -4.38 -13.78
C ALA A 262 -15.46 -4.04 -14.91
N GLY A 263 -14.57 -4.98 -15.24
CA GLY A 263 -13.52 -4.80 -16.27
C GLY A 263 -12.29 -4.13 -15.68
N LEU A 264 -12.36 -3.75 -14.40
CA LEU A 264 -11.14 -3.43 -13.62
C LEU A 264 -10.21 -4.65 -13.66
N GLU A 265 -10.75 -5.86 -13.44
CA GLU A 265 -9.98 -7.12 -13.50
C GLU A 265 -9.24 -7.18 -14.84
N GLN A 266 -9.98 -7.04 -15.96
CA GLN A 266 -9.41 -7.03 -17.34
C GLN A 266 -8.43 -5.85 -17.49
N GLU A 267 -8.74 -4.68 -16.93
CA GLU A 267 -7.93 -3.44 -17.06
C GLU A 267 -6.58 -3.60 -16.35
N LEU A 268 -6.52 -4.45 -15.31
CA LEU A 268 -5.29 -4.74 -14.52
C LEU A 268 -4.38 -5.74 -15.24
N GLU A 269 -4.91 -6.51 -16.21
CA GLU A 269 -4.10 -7.30 -17.17
C GLU A 269 -3.00 -6.38 -17.73
N ALA A 270 -3.41 -5.31 -18.43
CA ALA A 270 -2.54 -4.30 -19.06
C ALA A 270 -1.60 -3.65 -18.02
N GLY A 271 -2.08 -3.48 -16.79
CA GLY A 271 -1.27 -2.91 -15.69
C GLY A 271 -1.54 -1.42 -15.51
N VAL A 272 -1.65 -1.01 -14.26
CA VAL A 272 -2.05 0.36 -13.86
C VAL A 272 -0.84 1.27 -13.98
N GLY A 273 -1.04 2.49 -14.44
CA GLY A 273 0.01 3.52 -14.41
C GLY A 273 -0.40 4.72 -15.23
N GLY A 274 0.52 5.65 -15.45
CA GLY A 274 0.25 6.79 -16.34
C GLY A 274 1.40 7.77 -16.33
N ARG A 275 1.19 8.95 -16.90
CA ARG A 275 2.24 9.99 -17.08
C ARG A 275 2.23 10.92 -15.86
N PHE A 276 3.35 11.59 -15.60
CA PHE A 276 3.47 12.58 -14.51
C PHE A 276 4.47 13.66 -14.91
N ARG A 277 4.29 14.83 -14.32
CA ARG A 277 5.07 16.05 -14.63
C ARG A 277 5.04 16.83 -13.32
N CYS A 278 6.17 17.36 -12.88
CA CYS A 278 6.23 18.28 -11.73
C CYS A 278 7.50 19.15 -11.82
N SER A 279 7.61 20.09 -10.89
CA SER A 279 8.63 21.15 -10.83
C SER A 279 9.24 21.10 -9.44
N CYS A 280 10.56 21.00 -9.34
CA CYS A 280 11.25 20.92 -8.03
C CYS A 280 11.23 22.27 -7.32
N TYR A 281 11.29 22.21 -6.02
CA TYR A 281 11.05 23.34 -5.09
C TYR A 281 12.35 24.10 -4.90
N GLY A 282 13.46 23.38 -4.78
CA GLY A 282 14.79 23.96 -4.48
C GLY A 282 15.91 23.01 -4.80
N SER A 283 17.15 23.46 -4.57
CA SER A 283 18.40 22.71 -4.79
C SER A 283 18.44 21.47 -3.90
N ALA A 284 18.72 20.30 -4.50
CA ALA A 284 18.79 19.00 -3.79
C ALA A 284 19.44 17.93 -4.66
N PRO A 285 20.08 16.93 -4.02
CA PRO A 285 20.47 15.69 -4.70
C PRO A 285 19.23 14.80 -4.72
N MET A 286 18.67 14.62 -5.91
CA MET A 286 17.49 13.75 -6.10
C MET A 286 18.02 12.33 -6.22
N HIS A 287 17.44 11.42 -5.43
CA HIS A 287 17.88 10.00 -5.30
C HIS A 287 16.94 9.11 -6.14
N GLY A 288 15.75 9.61 -6.49
CA GLY A 288 14.73 8.84 -7.19
C GLY A 288 13.33 9.32 -6.88
N PHE A 289 12.38 8.39 -6.88
CA PHE A 289 10.94 8.65 -6.71
C PHE A 289 10.44 7.84 -5.53
N ALA A 290 9.44 8.38 -4.82
CA ALA A 290 8.61 7.64 -3.85
C ALA A 290 7.20 7.49 -4.41
N ILE A 291 6.61 6.35 -4.13
CA ILE A 291 5.27 5.98 -4.59
C ILE A 291 4.53 5.56 -3.33
N TRP A 292 3.25 5.93 -3.22
CA TRP A 292 2.38 5.54 -2.09
C TRP A 292 0.94 5.62 -2.59
N PHE A 293 0.04 5.11 -1.76
CA PHE A 293 -1.38 5.00 -2.08
C PHE A 293 -2.17 5.68 -0.98
N GLN A 294 -3.42 5.93 -1.30
CA GLN A 294 -4.48 6.20 -0.32
C GLN A 294 -5.71 5.40 -0.79
N VAL A 295 -6.60 5.10 0.15
CA VAL A 295 -7.89 4.42 -0.12
C VAL A 295 -8.98 5.27 0.51
N THR A 296 -10.19 5.12 0.00
CA THR A 296 -11.34 5.96 0.38
C THR A 296 -12.45 5.03 0.85
N PHE A 297 -12.92 5.28 2.08
CA PHE A 297 -14.20 4.77 2.63
C PHE A 297 -15.29 5.79 2.37
N PRO A 298 -16.40 5.46 1.68
CA PRO A 298 -17.53 6.38 1.56
C PRO A 298 -18.08 6.78 2.94
N GLY A 299 -18.61 8.01 3.04
CA GLY A 299 -19.13 8.60 4.30
C GLY A 299 -20.61 8.29 4.49
N GLY A 300 -21.18 8.79 5.59
CA GLY A 300 -22.60 8.57 5.98
C GLY A 300 -23.53 8.48 4.79
N GLU A 303 -22.22 12.09 5.25
CA GLU A 303 -20.98 12.88 5.45
C GLU A 303 -20.15 12.88 4.16
N LYS A 304 -18.91 13.38 4.23
CA LYS A 304 -17.88 13.32 3.16
C LYS A 304 -17.00 12.08 3.35
N PRO A 305 -16.39 11.53 2.28
CA PRO A 305 -15.57 10.32 2.40
C PRO A 305 -14.37 10.37 3.36
N LEU A 306 -13.99 9.23 3.94
CA LEU A 306 -12.77 9.12 4.78
C LEU A 306 -11.61 8.57 3.95
N VAL A 307 -10.43 9.18 4.08
CA VAL A 307 -9.21 8.87 3.29
C VAL A 307 -8.14 8.35 4.26
N LEU A 308 -7.64 7.14 4.00
CA LEU A 308 -6.43 6.60 4.68
C LEU A 308 -5.26 6.79 3.72
N SER A 309 -4.32 7.67 4.06
CA SER A 309 -3.16 8.01 3.19
C SER A 309 -1.90 7.41 3.82
N THR A 310 -1.00 6.91 2.98
CA THR A 310 0.37 6.47 3.36
C THR A 310 1.41 7.49 2.86
N SER A 311 1.00 8.74 2.64
CA SER A 311 1.88 9.85 2.19
C SER A 311 2.93 10.17 3.26
N PRO A 312 4.14 10.59 2.87
CA PRO A 312 5.13 11.06 3.83
C PRO A 312 4.71 12.35 4.53
N PHE A 313 3.74 13.10 4.00
CA PHE A 313 3.20 14.34 4.63
C PHE A 313 2.24 13.96 5.77
N HIS A 314 1.64 12.78 5.72
CA HIS A 314 0.63 12.31 6.71
C HIS A 314 1.34 11.49 7.78
N PRO A 315 0.66 11.16 8.90
CA PRO A 315 1.31 10.42 9.97
C PRO A 315 1.70 9.03 9.43
N ALA A 316 2.73 8.46 10.06
CA ALA A 316 3.41 7.23 9.61
C ALA A 316 2.53 6.00 9.84
N THR A 317 2.60 5.04 8.90
CA THR A 317 1.87 3.74 8.89
C THR A 317 2.89 2.61 8.69
N HIS A 318 2.54 1.37 8.97
CA HIS A 318 3.45 0.21 8.75
C HIS A 318 3.75 0.04 7.25
N TRP A 319 3.01 0.68 6.36
CA TRP A 319 3.20 0.60 4.88
C TRP A 319 4.38 1.45 4.42
N LYS A 320 4.73 2.49 5.17
CA LYS A 320 5.79 3.45 4.78
C LYS A 320 5.51 3.88 3.34
N GLN A 321 6.54 3.98 2.50
CA GLN A 321 6.43 4.32 1.06
C GLN A 321 7.34 3.39 0.26
N ALA A 322 7.10 3.27 -1.04
CA ALA A 322 7.90 2.44 -1.94
C ALA A 322 8.87 3.36 -2.70
N LEU A 323 10.17 3.10 -2.59
CA LEU A 323 11.26 3.94 -3.14
C LEU A 323 11.87 3.28 -4.40
N LEU A 324 11.96 4.08 -5.47
CA LEU A 324 12.65 3.82 -6.76
C LEU A 324 13.88 4.72 -6.86
N TYR A 325 15.04 4.18 -6.56
CA TYR A 325 16.35 4.86 -6.69
C TYR A 325 16.80 4.87 -8.15
N LEU A 326 17.28 6.03 -8.62
CA LEU A 326 18.05 6.11 -9.88
C LEU A 326 19.39 5.41 -9.60
N ASN A 327 20.25 5.25 -10.60
CA ASN A 327 21.51 4.46 -10.43
C ASN A 327 22.52 5.33 -9.71
N GLU A 328 22.37 6.65 -9.82
CA GLU A 328 23.17 7.63 -9.06
C GLU A 328 22.33 8.87 -8.79
N PRO A 329 22.73 9.70 -7.81
CA PRO A 329 22.09 10.98 -7.56
C PRO A 329 22.23 11.94 -8.75
N VAL A 330 21.23 12.80 -8.94
CA VAL A 330 21.26 13.93 -9.91
C VAL A 330 20.82 15.18 -9.16
N GLN A 331 21.64 16.24 -9.22
CA GLN A 331 21.38 17.54 -8.55
C GLN A 331 20.21 18.21 -9.30
N VAL A 332 19.16 18.62 -8.60
CA VAL A 332 18.05 19.45 -9.17
C VAL A 332 18.14 20.86 -8.57
N GLU A 333 17.42 21.81 -9.15
CA GLU A 333 17.37 23.22 -8.68
C GLU A 333 15.91 23.67 -8.72
N GLN A 334 15.61 24.85 -8.17
CA GLN A 334 14.24 25.41 -8.21
C GLN A 334 13.78 25.39 -9.67
N ASP A 335 12.63 24.76 -9.95
CA ASP A 335 11.86 24.84 -11.22
C ASP A 335 12.36 23.80 -12.24
N THR A 336 13.29 22.92 -11.85
CA THR A 336 13.76 21.79 -12.67
C THR A 336 12.55 20.90 -12.97
N ASP A 337 12.29 20.63 -14.23
CA ASP A 337 11.11 19.83 -14.66
C ASP A 337 11.47 18.34 -14.46
N VAL A 338 10.58 17.58 -13.85
CA VAL A 338 10.73 16.11 -13.70
C VAL A 338 9.47 15.46 -14.25
N SER A 339 9.57 14.71 -15.33
CA SER A 339 8.40 14.07 -15.96
C SER A 339 8.73 12.60 -16.17
N GLY A 340 7.72 11.81 -16.51
CA GLY A 340 7.95 10.41 -16.86
C GLY A 340 6.67 9.62 -16.97
N GLU A 341 6.83 8.31 -16.99
CA GLU A 341 5.73 7.35 -17.13
C GLU A 341 6.06 6.16 -16.24
N ILE A 342 5.06 5.70 -15.49
CA ILE A 342 5.21 4.59 -14.53
C ILE A 342 4.10 3.60 -14.84
N THR A 343 4.46 2.32 -14.96
CA THR A 343 3.53 1.19 -15.15
C THR A 343 3.80 0.15 -14.07
N LEU A 344 2.77 -0.29 -13.35
CA LEU A 344 2.84 -1.46 -12.44
C LEU A 344 2.15 -2.62 -13.15
N LEU A 345 2.81 -3.76 -13.32
CA LEU A 345 2.14 -4.97 -13.87
C LEU A 345 2.85 -6.25 -13.44
N PRO A 346 2.11 -7.37 -13.26
CA PRO A 346 2.73 -8.67 -12.93
C PRO A 346 3.49 -9.29 -14.11
N SER A 347 4.48 -10.16 -13.82
CA SER A 347 5.11 -11.12 -14.78
C SER A 347 4.54 -12.53 -14.57
N PRO A 351 9.73 -16.37 -13.76
CA PRO A 351 9.42 -16.32 -12.32
C PRO A 351 8.34 -15.27 -12.01
N ARG A 352 7.25 -15.67 -11.35
CA ARG A 352 6.14 -14.78 -10.89
C ARG A 352 6.76 -13.58 -10.15
N ARG A 353 6.70 -12.39 -10.78
CA ARG A 353 7.21 -11.12 -10.20
C ARG A 353 6.36 -9.93 -10.69
N LEU A 354 6.19 -8.97 -9.80
CA LEU A 354 5.55 -7.65 -10.05
C LEU A 354 6.59 -6.66 -10.60
N ARG A 355 6.48 -6.27 -11.86
CA ARG A 355 7.42 -5.33 -12.53
C ARG A 355 6.92 -3.89 -12.34
N VAL A 356 7.85 -2.97 -12.09
CA VAL A 356 7.61 -1.50 -12.11
C VAL A 356 8.44 -0.92 -13.25
N LEU A 357 7.79 -0.45 -14.30
CA LEU A 357 8.47 0.14 -15.47
C LEU A 357 8.46 1.65 -15.30
N LEU A 358 9.62 2.27 -15.31
CA LEU A 358 9.76 3.73 -15.17
C LEU A 358 10.60 4.23 -16.33
N ARG A 359 10.04 5.15 -17.10
CA ARG A 359 10.78 6.04 -18.00
C ARG A 359 10.55 7.46 -17.49
N TYR A 360 11.61 8.24 -17.39
CA TYR A 360 11.64 9.52 -16.65
C TYR A 360 12.65 10.46 -17.28
N LYS A 361 12.44 11.75 -17.06
CA LYS A 361 13.32 12.84 -17.56
C LYS A 361 13.48 13.87 -16.45
N VAL A 362 14.72 14.19 -16.11
CA VAL A 362 15.08 15.24 -15.10
C VAL A 362 15.79 16.38 -15.82
N GLY A 363 15.20 17.58 -15.83
CA GLY A 363 15.86 18.79 -16.36
C GLY A 363 16.22 18.64 -17.82
N ASP A 364 17.43 19.05 -18.20
CA ASP A 364 17.92 19.03 -19.60
C ASP A 364 18.63 17.71 -19.87
N GLN A 365 18.60 16.77 -18.91
CA GLN A 365 19.13 15.40 -19.04
C GLN A 365 18.23 14.60 -20.00
N GLU A 366 18.78 13.56 -20.63
CA GLU A 366 18.09 12.66 -21.61
C GLU A 366 17.10 11.75 -20.87
N GLU A 367 15.99 11.39 -21.51
CA GLU A 367 15.03 10.36 -21.03
C GLU A 367 15.80 9.10 -20.62
N LYS A 368 15.45 8.50 -19.49
CA LYS A 368 16.02 7.19 -19.11
C LYS A 368 14.90 6.26 -18.65
N THR A 369 15.21 4.98 -18.80
CA THR A 369 14.42 3.82 -18.39
C THR A 369 15.11 3.25 -17.16
N LYS A 370 14.37 3.02 -16.08
CA LYS A 370 14.80 2.05 -15.04
C LYS A 370 13.59 1.21 -14.62
N ASP A 371 13.71 -0.09 -14.82
CA ASP A 371 12.68 -1.10 -14.50
C ASP A 371 13.10 -1.75 -13.18
N PHE A 372 12.14 -2.05 -12.33
CA PHE A 372 12.32 -2.59 -10.97
C PHE A 372 11.49 -3.88 -10.88
N ALA A 373 11.73 -4.71 -9.88
CA ALA A 373 10.91 -5.92 -9.62
C ALA A 373 10.84 -6.20 -8.12
N MET A 374 9.84 -6.99 -7.72
CA MET A 374 9.65 -7.55 -6.35
C MET A 374 9.34 -9.05 -6.48
N GLU A 375 10.18 -9.91 -5.88
CA GLU A 375 10.03 -11.39 -5.88
C GLU A 375 10.06 -11.89 -4.42
N SAH B . -8.10 -7.54 8.18
CA SAH B . -6.95 -8.26 8.78
CB SAH B . -5.70 -8.06 7.92
CG SAH B . -5.40 -9.27 7.10
SD SAH B . -3.77 -9.28 6.30
C SAH B . -6.68 -7.75 10.21
O SAH B . -7.42 -6.84 10.61
OXT SAH B . -5.77 -8.29 10.87
C5' SAH B . -4.26 -10.34 4.89
C4' SAH B . -4.90 -11.67 5.32
O4' SAH B . -5.68 -12.21 4.23
C3' SAH B . -3.91 -12.77 5.73
O3' SAH B . -4.32 -13.22 7.03
C2' SAH B . -4.00 -13.78 4.56
O2' SAH B . -3.74 -15.11 4.94
C1' SAH B . -5.45 -13.59 4.12
N9 SAH B . -5.76 -13.99 2.74
C8 SAH B . -5.03 -13.73 1.61
N7 SAH B . -5.60 -14.16 0.51
C5 SAH B . -6.80 -14.71 0.94
C6 SAH B . -7.86 -15.33 0.24
N6 SAH B . -7.87 -15.49 -1.08
N1 SAH B . -8.91 -15.75 0.97
C2 SAH B . -8.90 -15.58 2.30
N3 SAH B . -7.95 -15.04 3.07
C4 SAH B . -6.92 -14.62 2.32
C4 TQ7 C . 2.97 0.45 -5.78
C5 TQ7 C . 4.12 -0.11 -6.20
C6 TQ7 C . -0.36 -2.28 -6.41
C7 TQ7 C . -1.22 -1.45 -5.45
C8 TQ7 C . -0.85 -1.32 -4.12
C9 TQ7 C . -1.55 -0.46 -3.28
C10 TQ7 C . -2.64 0.25 -3.75
C11 TQ7 C . -3.02 0.11 -5.06
C12 TQ7 C . -2.32 -0.73 -5.91
C13 TQ7 C . -1.04 -2.92 -7.60
C14 TQ7 C . -2.32 -3.44 -7.53
C15 TQ7 C . -2.87 -4.14 -8.60
O TQ7 C . 2.44 -4.10 -5.14
C1 TQ7 C . 1.77 -3.14 -5.51
C2 TQ7 C . 2.42 -1.83 -5.73
S TQ7 C . 4.07 -1.83 -6.30
BR TQ7 C . 5.74 0.78 -6.60
C3 TQ7 C . 1.99 -0.52 -5.50
N TQ7 C . 0.45 -3.26 -5.68
C TQ7 C . -0.18 -4.43 -5.11
C18 TQ7 C . -0.32 -3.09 -8.78
C17 TQ7 C . -0.87 -3.78 -9.85
C16 TQ7 C . -2.15 -4.32 -9.76
#